data_4QMU
#
_entry.id   4QMU
#
_cell.length_a   47.688
_cell.length_b   54.811
_cell.length_c   60.518
_cell.angle_alpha   90.00
_cell.angle_beta   111.78
_cell.angle_gamma   90.00
#
_symmetry.space_group_name_H-M   'P 1 21 1'
#
loop_
_entity.id
_entity.type
_entity.pdbx_description
1 polymer 'SERINE/THREONINE-PROTEIN KINASE 24'
2 non-polymer 4-({5-amino-1-[(2,6-difluorophenyl)carbonyl]-1H-1,2,4-triazol-3-yl}amino)benzenesulfonamide
3 non-polymer 'MAGNESIUM ION'
4 non-polymer 'DIMETHYL SULFOXIDE'
5 water water
#
_entity_poly.entity_id   1
_entity_poly.type   'polypeptide(L)'
_entity_poly.pdbx_seq_one_letter_code
;GPLGSEFMAHSPVQSGLPGMQNLKADPEELFTKLEKIGKGSFGEVFKGIDNRTQKVVAIKIIDLEEAEDEIEDIQQEITV
LSQCDSPYVTKYYGSYLKDTKLWIIMEYLGGGSALDLLEPGPLDETQIATILREILKGLDYLHSEKKIHRDIKAANVLLS
EHGEVKLADFGVAGQLTDTQIKRN(TPO)FVGTPFWMAPEVIKQSAYDSKADIWSLGITAIELARGEPPHSELHPMKVLF
LIPKNNPPTLEGNYSKPLKEFVEACLNKEPSFRPTAKELLKHKFILRNAKKTSYLTELIDRYKRWKAEQSHDDS
;
_entity_poly.pdbx_strand_id   A
#
# COMPACT_ATOMS: atom_id res chain seq x y z
N GLY A 19 19.60 -4.45 -13.68
CA GLY A 19 18.47 -4.89 -12.87
C GLY A 19 17.29 -5.39 -13.69
N MET A 20 17.46 -5.43 -15.01
CA MET A 20 16.41 -5.91 -15.91
C MET A 20 16.73 -7.32 -16.39
N GLN A 21 17.54 -8.04 -15.60
CA GLN A 21 18.09 -9.33 -16.00
C GLN A 21 17.04 -10.35 -16.40
N ASN A 22 15.88 -10.31 -15.76
CA ASN A 22 14.87 -11.32 -16.03
C ASN A 22 13.69 -10.79 -16.84
N LEU A 23 13.93 -9.72 -17.59
CA LEU A 23 12.92 -9.19 -18.51
C LEU A 23 12.58 -10.24 -19.55
N LYS A 24 11.29 -10.39 -19.83
CA LYS A 24 10.83 -11.39 -20.77
C LYS A 24 10.31 -10.73 -22.04
N ALA A 25 9.99 -11.53 -23.05
CA ALA A 25 9.48 -11.00 -24.31
C ALA A 25 8.22 -11.77 -24.74
N ASP A 26 7.49 -11.19 -25.69
CA ASP A 26 6.27 -11.82 -26.23
C ASP A 26 5.24 -12.18 -25.15
N PRO A 27 4.71 -11.17 -24.43
CA PRO A 27 3.77 -11.47 -23.34
C PRO A 27 2.47 -12.14 -23.81
N GLU A 28 1.98 -11.78 -25.00
CA GLU A 28 0.66 -12.27 -25.41
C GLU A 28 0.69 -13.73 -25.84
N GLU A 29 1.86 -14.36 -25.76
CA GLU A 29 1.97 -15.79 -25.97
C GLU A 29 1.67 -16.55 -24.67
N LEU A 30 1.72 -15.84 -23.56
CA LEU A 30 1.44 -16.46 -22.26
C LEU A 30 0.24 -15.82 -21.56
N PHE A 31 -0.09 -14.59 -21.93
CA PHE A 31 -1.20 -13.89 -21.28
C PHE A 31 -2.17 -13.33 -22.30
N THR A 32 -3.45 -13.28 -21.91
CA THR A 32 -4.46 -12.62 -22.72
C THR A 32 -4.80 -11.30 -22.06
N LYS A 33 -4.77 -10.21 -22.83
CA LYS A 33 -5.14 -8.92 -22.27
C LYS A 33 -6.64 -8.69 -22.42
N LEU A 34 -7.28 -8.34 -21.32
CA LEU A 34 -8.72 -8.10 -21.32
C LEU A 34 -9.01 -6.62 -21.11
N GLU A 35 -10.11 -6.32 -20.43
CA GLU A 35 -10.57 -4.94 -20.31
C GLU A 35 -9.77 -4.12 -19.29
N LYS A 36 -9.86 -2.79 -19.43
CA LYS A 36 -9.17 -1.87 -18.53
C LYS A 36 -9.83 -1.88 -17.15
N ILE A 37 -9.03 -1.83 -16.08
CA ILE A 37 -9.61 -1.83 -14.75
C ILE A 37 -9.29 -0.56 -13.98
N GLY A 38 -8.32 0.22 -14.44
CA GLY A 38 -8.05 1.51 -13.83
C GLY A 38 -6.74 2.17 -14.18
N LYS A 39 -6.59 3.41 -13.74
CA LYS A 39 -5.33 4.14 -13.88
C LYS A 39 -4.33 3.59 -12.87
N GLY A 40 -3.12 3.30 -13.34
CA GLY A 40 -2.08 2.80 -12.46
C GLY A 40 -1.27 3.95 -11.90
N SER A 41 -0.39 3.64 -10.95
CA SER A 41 0.54 4.65 -10.45
C SER A 41 1.38 5.14 -11.63
N PHE A 42 1.62 4.22 -12.57
CA PHE A 42 2.16 4.54 -13.87
C PHE A 42 1.29 3.82 -14.92
N GLY A 43 1.00 4.50 -16.03
CA GLY A 43 0.21 3.91 -17.10
C GLY A 43 -1.23 3.53 -16.76
N GLU A 44 -1.77 2.56 -17.50
CA GLU A 44 -3.10 2.01 -17.21
C GLU A 44 -3.00 0.53 -16.87
N VAL A 45 -3.96 0.05 -16.08
CA VAL A 45 -3.94 -1.35 -15.67
C VAL A 45 -5.12 -2.09 -16.30
N PHE A 46 -4.84 -3.27 -16.84
CA PHE A 46 -5.83 -4.08 -17.50
C PHE A 46 -5.99 -5.40 -16.80
N LYS A 47 -7.20 -5.94 -16.84
CA LYS A 47 -7.40 -7.32 -16.43
C LYS A 47 -6.75 -8.19 -17.49
N GLY A 48 -6.34 -9.39 -17.11
CA GLY A 48 -5.79 -10.35 -18.07
C GLY A 48 -5.92 -11.78 -17.59
N ILE A 49 -5.55 -12.73 -18.44
CA ILE A 49 -5.58 -14.14 -18.08
C ILE A 49 -4.22 -14.79 -18.27
N ASP A 50 -3.76 -15.54 -17.28
CA ASP A 50 -2.59 -16.39 -17.44
C ASP A 50 -3.07 -17.64 -18.20
N ASN A 51 -2.60 -17.83 -19.43
CA ASN A 51 -3.15 -18.91 -20.23
C ASN A 51 -2.70 -20.27 -19.72
N ARG A 52 -1.69 -20.29 -18.86
CA ARG A 52 -1.15 -21.53 -18.30
C ARG A 52 -1.97 -22.08 -17.12
N THR A 53 -2.66 -21.21 -16.39
CA THR A 53 -3.41 -21.61 -15.21
C THR A 53 -4.86 -21.15 -15.27
N GLN A 54 -5.12 -20.23 -16.19
CA GLN A 54 -6.41 -19.55 -16.32
C GLN A 54 -6.74 -18.69 -15.10
N LYS A 55 -5.72 -18.34 -14.31
CA LYS A 55 -5.93 -17.35 -13.26
C LYS A 55 -5.99 -15.96 -13.88
N VAL A 56 -6.70 -15.07 -13.21
CA VAL A 56 -6.83 -13.68 -13.66
C VAL A 56 -5.63 -12.89 -13.11
N VAL A 57 -5.08 -12.03 -13.95
CA VAL A 57 -3.94 -11.22 -13.56
C VAL A 57 -4.25 -9.75 -13.81
N ALA A 58 -3.40 -8.87 -13.29
CA ALA A 58 -3.46 -7.44 -13.58
C ALA A 58 -2.22 -7.07 -14.38
N ILE A 59 -2.44 -6.40 -15.50
CA ILE A 59 -1.35 -6.01 -16.39
C ILE A 59 -1.23 -4.50 -16.41
N LYS A 60 -0.14 -3.99 -15.85
CA LYS A 60 0.11 -2.56 -15.88
C LYS A 60 0.91 -2.28 -17.16
N ILE A 61 0.35 -1.47 -18.04
CA ILE A 61 1.01 -1.19 -19.31
C ILE A 61 1.56 0.23 -19.31
N ILE A 62 2.85 0.33 -19.59
CA ILE A 62 3.54 1.61 -19.52
C ILE A 62 4.18 1.95 -20.87
N ASP A 63 3.83 3.13 -21.39
CA ASP A 63 4.45 3.60 -22.61
C ASP A 63 5.83 4.20 -22.27
N LEU A 64 6.87 3.42 -22.52
CA LEU A 64 8.25 3.82 -22.19
C LEU A 64 8.69 5.02 -23.02
N GLU A 65 8.00 5.23 -24.13
CA GLU A 65 8.28 6.33 -25.03
C GLU A 65 7.76 7.64 -24.47
N GLU A 66 6.56 7.57 -23.90
CA GLU A 66 5.86 8.75 -23.42
C GLU A 66 6.55 9.38 -22.22
N ALA A 67 6.98 8.55 -21.28
CA ALA A 67 7.66 9.04 -20.08
C ALA A 67 9.16 8.76 -20.15
N GLU A 68 9.93 9.48 -19.37
CA GLU A 68 11.35 9.19 -19.23
C GLU A 68 11.90 9.58 -17.87
N ASP A 69 11.32 10.59 -17.24
CA ASP A 69 11.73 10.97 -15.90
C ASP A 69 11.27 9.87 -14.95
N GLU A 70 10.11 9.30 -15.25
CA GLU A 70 9.51 8.28 -14.41
C GLU A 70 10.21 6.92 -14.56
N ILE A 71 11.03 6.78 -15.59
CA ILE A 71 11.68 5.50 -15.91
C ILE A 71 12.44 4.90 -14.72
N GLU A 72 13.11 5.73 -13.94
CA GLU A 72 13.81 5.23 -12.76
C GLU A 72 12.84 4.64 -11.74
N ASP A 73 11.66 5.26 -11.61
CA ASP A 73 10.66 4.77 -10.67
C ASP A 73 10.04 3.48 -11.19
N ILE A 74 9.88 3.39 -12.50
CA ILE A 74 9.35 2.19 -13.13
C ILE A 74 10.35 1.04 -12.95
N GLN A 75 11.62 1.33 -13.14
CA GLN A 75 12.68 0.35 -12.90
C GLN A 75 12.65 -0.15 -11.45
N GLN A 76 12.45 0.78 -10.52
CA GLN A 76 12.44 0.43 -9.11
C GLN A 76 11.25 -0.45 -8.77
N GLU A 77 10.09 -0.15 -9.33
CA GLU A 77 8.90 -0.95 -9.06
C GLU A 77 9.11 -2.41 -9.46
N ILE A 78 9.62 -2.62 -10.67
CA ILE A 78 9.94 -3.95 -11.16
C ILE A 78 10.96 -4.67 -10.28
N THR A 79 12.04 -3.97 -9.95
CA THR A 79 13.07 -4.55 -9.12
C THR A 79 12.52 -4.99 -7.78
N VAL A 80 11.79 -4.10 -7.12
CA VAL A 80 11.25 -4.41 -5.81
C VAL A 80 10.21 -5.54 -5.88
N LEU A 81 9.28 -5.47 -6.84
CA LEU A 81 8.30 -6.54 -7.02
C LEU A 81 8.96 -7.89 -7.26
N SER A 82 10.00 -7.89 -8.09
CA SER A 82 10.66 -9.14 -8.45
C SER A 82 11.36 -9.79 -7.26
N GLN A 83 11.69 -8.97 -6.26
CA GLN A 83 12.39 -9.46 -5.09
C GLN A 83 11.47 -9.81 -3.93
N CYS A 84 10.16 -9.58 -4.09
CA CYS A 84 9.23 -9.91 -3.02
C CYS A 84 8.56 -11.26 -3.24
N ASP A 85 8.46 -12.03 -2.15
CA ASP A 85 7.79 -13.32 -2.17
C ASP A 85 7.04 -13.50 -0.86
N SER A 86 5.83 -12.94 -0.79
CA SER A 86 5.03 -12.93 0.42
C SER A 86 3.54 -12.96 0.11
N PRO A 87 2.73 -13.65 0.92
CA PRO A 87 1.29 -13.59 0.64
C PRO A 87 0.70 -12.22 0.98
N TYR A 88 1.51 -11.31 1.51
CA TYR A 88 1.04 -9.98 1.92
C TYR A 88 1.52 -8.88 0.97
N VAL A 89 2.14 -9.29 -0.13
CA VAL A 89 2.61 -8.38 -1.17
C VAL A 89 2.12 -8.92 -2.50
N THR A 90 1.54 -8.06 -3.35
CA THR A 90 1.01 -8.49 -4.65
C THR A 90 2.02 -9.35 -5.40
N LYS A 91 1.60 -10.57 -5.74
CA LYS A 91 2.47 -11.50 -6.44
C LYS A 91 2.89 -10.95 -7.80
N TYR A 92 4.14 -11.19 -8.15
CA TYR A 92 4.72 -10.68 -9.38
C TYR A 92 4.89 -11.83 -10.37
N TYR A 93 4.36 -11.65 -11.58
CA TYR A 93 4.52 -12.68 -12.60
C TYR A 93 5.78 -12.41 -13.42
N GLY A 94 5.99 -11.16 -13.78
CA GLY A 94 7.11 -10.81 -14.63
C GLY A 94 6.87 -9.51 -15.38
N SER A 95 7.90 -9.04 -16.07
CA SER A 95 7.81 -7.83 -16.87
C SER A 95 8.18 -8.17 -18.30
N TYR A 96 7.43 -7.62 -19.24
CA TYR A 96 7.54 -8.00 -20.63
C TYR A 96 7.63 -6.78 -21.53
N LEU A 97 8.47 -6.86 -22.56
CA LEU A 97 8.60 -5.77 -23.51
C LEU A 97 7.78 -6.08 -24.75
N LYS A 98 7.00 -5.11 -25.21
CA LYS A 98 6.33 -5.19 -26.50
C LYS A 98 6.24 -3.78 -27.09
N ASP A 99 6.84 -3.58 -28.27
CA ASP A 99 6.95 -2.28 -28.92
C ASP A 99 7.59 -1.31 -27.91
N THR A 100 6.95 -0.18 -27.64
CA THR A 100 7.45 0.84 -26.73
C THR A 100 6.80 0.68 -25.38
N LYS A 101 6.01 -0.38 -25.26
CA LYS A 101 5.24 -0.65 -24.06
C LYS A 101 5.96 -1.64 -23.17
N LEU A 102 5.88 -1.39 -21.86
CA LEU A 102 6.31 -2.35 -20.88
C LEU A 102 5.07 -2.92 -20.20
N TRP A 103 5.00 -4.25 -20.14
CA TRP A 103 3.90 -4.92 -19.43
C TRP A 103 4.39 -5.44 -18.09
N ILE A 104 3.87 -4.87 -17.00
CA ILE A 104 4.17 -5.37 -15.66
C ILE A 104 2.98 -6.21 -15.21
N ILE A 105 3.21 -7.50 -14.97
CA ILE A 105 2.11 -8.43 -14.70
C ILE A 105 2.13 -8.93 -13.27
N MET A 106 1.01 -8.77 -12.59
CA MET A 106 0.89 -9.11 -11.18
C MET A 106 -0.44 -9.84 -10.94
N GLU A 107 -0.63 -10.43 -9.76
CA GLU A 107 -1.92 -11.06 -9.47
C GLU A 107 -3.01 -9.99 -9.42
N TYR A 108 -4.19 -10.40 -9.85
CA TYR A 108 -5.38 -9.57 -9.78
C TYR A 108 -6.06 -9.82 -8.45
N LEU A 109 -6.41 -8.75 -7.76
CA LEU A 109 -7.13 -8.86 -6.50
C LEU A 109 -8.52 -8.26 -6.65
N GLY A 110 -9.54 -9.10 -6.45
CA GLY A 110 -10.89 -8.75 -6.85
C GLY A 110 -11.72 -7.95 -5.88
N GLY A 111 -11.20 -7.69 -4.69
CA GLY A 111 -11.94 -6.95 -3.68
C GLY A 111 -11.74 -5.44 -3.73
N GLY A 112 -10.81 -4.97 -4.55
CA GLY A 112 -10.52 -3.55 -4.67
C GLY A 112 -9.63 -3.09 -3.51
N SER A 113 -9.45 -1.79 -3.37
CA SER A 113 -8.59 -1.27 -2.31
C SER A 113 -9.34 -1.00 -1.01
N ALA A 114 -8.60 -0.85 0.08
CA ALA A 114 -9.24 -0.52 1.34
C ALA A 114 -9.94 0.85 1.24
N LEU A 115 -9.39 1.75 0.44
CA LEU A 115 -10.01 3.05 0.24
C LEU A 115 -11.36 2.88 -0.47
N ASP A 116 -11.38 2.05 -1.51
CA ASP A 116 -12.64 1.73 -2.18
C ASP A 116 -13.67 1.24 -1.17
N LEU A 117 -13.23 0.36 -0.28
CA LEU A 117 -14.16 -0.29 0.65
C LEU A 117 -14.70 0.69 1.70
N LEU A 118 -14.03 1.82 1.84
CA LEU A 118 -14.51 2.86 2.75
C LEU A 118 -15.63 3.71 2.14
N GLU A 119 -15.75 3.67 0.82
CA GLU A 119 -16.70 4.55 0.12
C GLU A 119 -18.15 4.44 0.59
N PRO A 120 -18.67 3.22 0.83
CA PRO A 120 -20.09 3.15 1.20
C PRO A 120 -20.42 3.62 2.61
N GLY A 121 -19.44 3.65 3.50
CA GLY A 121 -19.71 4.00 4.89
C GLY A 121 -18.58 3.59 5.81
N PRO A 122 -18.79 3.75 7.11
CA PRO A 122 -17.72 3.52 8.08
C PRO A 122 -17.41 2.03 8.29
N LEU A 123 -16.20 1.78 8.78
CA LEU A 123 -15.76 0.46 9.22
C LEU A 123 -15.99 0.31 10.72
N ASP A 124 -16.13 -0.92 11.20
CA ASP A 124 -16.12 -1.09 12.64
C ASP A 124 -14.71 -1.49 13.09
N GLU A 125 -14.48 -1.54 14.41
CA GLU A 125 -13.11 -1.71 14.88
C GLU A 125 -12.57 -3.12 14.60
N THR A 126 -13.45 -4.12 14.48
CA THR A 126 -12.98 -5.44 14.08
C THR A 126 -12.42 -5.41 12.65
N GLN A 127 -13.12 -4.70 11.76
CA GLN A 127 -12.65 -4.57 10.38
C GLN A 127 -11.33 -3.80 10.34
N ILE A 128 -11.27 -2.71 11.10
CA ILE A 128 -10.06 -1.89 11.14
C ILE A 128 -8.88 -2.69 11.65
N ALA A 129 -9.07 -3.39 12.76
CA ALA A 129 -8.00 -4.24 13.31
C ALA A 129 -7.57 -5.37 12.37
N THR A 130 -8.52 -6.00 11.69
CA THR A 130 -8.19 -7.09 10.78
C THR A 130 -7.32 -6.58 9.64
N ILE A 131 -7.72 -5.44 9.08
CA ILE A 131 -6.98 -4.85 7.97
C ILE A 131 -5.59 -4.40 8.43
N LEU A 132 -5.53 -3.68 9.55
CA LEU A 132 -4.22 -3.26 10.10
C LEU A 132 -3.30 -4.44 10.40
N ARG A 133 -3.84 -5.53 10.93
CA ARG A 133 -3.02 -6.70 11.21
C ARG A 133 -2.36 -7.21 9.94
N GLU A 134 -3.14 -7.33 8.87
CA GLU A 134 -2.55 -7.84 7.64
C GLU A 134 -1.55 -6.84 7.04
N ILE A 135 -1.82 -5.54 7.12
CA ILE A 135 -0.85 -4.56 6.64
C ILE A 135 0.46 -4.71 7.42
N LEU A 136 0.33 -4.91 8.73
CA LEU A 136 1.50 -5.12 9.57
C LEU A 136 2.29 -6.35 9.17
N LYS A 137 1.62 -7.43 8.77
CA LYS A 137 2.36 -8.62 8.33
C LYS A 137 3.13 -8.31 7.05
N GLY A 138 2.53 -7.51 6.18
CA GLY A 138 3.20 -7.06 4.97
C GLY A 138 4.39 -6.18 5.30
N LEU A 139 4.23 -5.26 6.24
CA LEU A 139 5.32 -4.39 6.64
C LEU A 139 6.43 -5.18 7.34
N ASP A 140 6.05 -6.15 8.17
CA ASP A 140 7.06 -6.98 8.83
C ASP A 140 7.90 -7.69 7.77
N TYR A 141 7.25 -8.24 6.76
CA TYR A 141 7.97 -8.87 5.66
C TYR A 141 8.93 -7.88 4.97
N LEU A 142 8.39 -6.74 4.51
CA LEU A 142 9.22 -5.78 3.78
C LEU A 142 10.40 -5.28 4.60
N HIS A 143 10.13 -4.94 5.85
CA HIS A 143 11.17 -4.36 6.69
C HIS A 143 12.24 -5.39 7.02
N SER A 144 11.84 -6.67 7.09
CA SER A 144 12.82 -7.73 7.31
C SER A 144 13.70 -7.91 6.07
N GLU A 145 13.21 -7.46 4.93
CA GLU A 145 13.96 -7.49 3.67
C GLU A 145 14.69 -6.18 3.40
N LYS A 146 14.71 -5.31 4.41
CA LYS A 146 15.32 -3.98 4.34
C LYS A 146 14.68 -3.10 3.27
N LYS A 147 13.40 -3.35 2.98
CA LYS A 147 12.64 -2.52 2.06
C LYS A 147 11.70 -1.60 2.84
N ILE A 148 11.50 -0.40 2.31
CA ILE A 148 10.57 0.56 2.90
C ILE A 148 9.55 0.87 1.81
N HIS A 149 8.27 0.76 2.12
CA HIS A 149 7.25 0.96 1.10
C HIS A 149 7.17 2.43 0.67
N ARG A 150 7.06 3.30 1.68
CA ARG A 150 7.11 4.76 1.55
C ARG A 150 5.84 5.38 0.97
N ASP A 151 4.83 4.57 0.63
CA ASP A 151 3.55 5.13 0.21
C ASP A 151 2.40 4.34 0.81
N ILE A 152 2.50 4.06 2.11
CA ILE A 152 1.42 3.31 2.80
C ILE A 152 0.22 4.24 2.98
N LYS A 153 -0.92 3.78 2.48
CA LYS A 153 -2.19 4.49 2.59
C LYS A 153 -3.26 3.52 2.13
N ALA A 154 -4.51 3.79 2.46
CA ALA A 154 -5.60 2.83 2.17
C ALA A 154 -5.69 2.51 0.67
N ALA A 155 -5.37 3.48 -0.19
CA ALA A 155 -5.46 3.26 -1.64
C ALA A 155 -4.46 2.22 -2.15
N ASN A 156 -3.41 1.96 -1.39
CA ASN A 156 -2.38 0.99 -1.81
C ASN A 156 -2.46 -0.30 -1.03
N VAL A 157 -3.60 -0.50 -0.36
CA VAL A 157 -3.88 -1.76 0.32
C VAL A 157 -5.00 -2.44 -0.45
N LEU A 158 -4.71 -3.60 -1.04
CA LEU A 158 -5.65 -4.29 -1.93
C LEU A 158 -6.19 -5.54 -1.27
N LEU A 159 -7.44 -5.86 -1.56
CA LEU A 159 -8.05 -7.06 -0.98
C LEU A 159 -8.46 -8.05 -2.07
N SER A 160 -8.31 -9.34 -1.79
CA SER A 160 -8.92 -10.35 -2.65
C SER A 160 -10.43 -10.35 -2.46
N GLU A 161 -11.16 -11.08 -3.29
CA GLU A 161 -12.61 -11.04 -3.16
C GLU A 161 -13.08 -11.76 -1.90
N HIS A 162 -12.17 -12.45 -1.22
CA HIS A 162 -12.53 -13.15 0.00
C HIS A 162 -11.80 -12.65 1.23
N GLY A 163 -11.19 -11.48 1.10
CA GLY A 163 -10.73 -10.77 2.28
C GLY A 163 -9.25 -10.80 2.55
N GLU A 164 -8.46 -11.49 1.71
CA GLU A 164 -7.02 -11.42 1.88
C GLU A 164 -6.57 -10.00 1.64
N VAL A 165 -5.56 -9.55 2.37
CA VAL A 165 -5.11 -8.15 2.31
C VAL A 165 -3.65 -8.10 1.89
N LYS A 166 -3.34 -7.36 0.82
CA LYS A 166 -1.97 -7.30 0.33
C LYS A 166 -1.52 -5.87 0.02
N LEU A 167 -0.23 -5.60 0.21
CA LEU A 167 0.33 -4.30 -0.14
C LEU A 167 0.63 -4.20 -1.61
N ALA A 168 0.40 -3.02 -2.18
CA ALA A 168 0.61 -2.78 -3.61
C ALA A 168 1.32 -1.45 -3.87
N ASP A 169 1.75 -1.28 -5.12
CA ASP A 169 2.32 -0.02 -5.66
C ASP A 169 3.66 0.35 -5.04
N PHE A 170 4.70 -0.29 -5.57
CA PHE A 170 6.05 -0.19 -5.03
C PHE A 170 6.95 0.77 -5.82
N GLY A 171 6.32 1.66 -6.57
CA GLY A 171 7.06 2.58 -7.41
C GLY A 171 7.98 3.54 -6.69
N VAL A 172 7.69 3.87 -5.43
CA VAL A 172 8.61 4.73 -4.69
C VAL A 172 9.23 4.01 -3.50
N ALA A 173 9.21 2.68 -3.52
CA ALA A 173 9.83 1.90 -2.46
C ALA A 173 11.34 2.15 -2.38
N GLY A 174 11.86 2.04 -1.16
CA GLY A 174 13.29 2.25 -0.92
C GLY A 174 13.94 0.95 -0.47
N GLN A 175 15.24 0.82 -0.73
CA GLN A 175 15.99 -0.37 -0.35
C GLN A 175 17.21 0.01 0.47
N LEU A 176 17.31 -0.52 1.69
CA LEU A 176 18.51 -0.29 2.50
C LEU A 176 19.55 -1.37 2.18
N THR A 177 20.82 -1.01 2.33
CA THR A 177 21.92 -1.93 2.06
C THR A 177 22.98 -1.72 3.13
N ASP A 178 24.08 -2.46 3.06
CA ASP A 178 25.14 -2.32 4.05
C ASP A 178 25.81 -0.94 3.96
N THR A 179 25.78 -0.33 2.78
CA THR A 179 26.40 0.98 2.60
C THR A 179 25.39 2.13 2.62
N GLN A 180 24.11 1.80 2.51
CA GLN A 180 23.03 2.77 2.65
C GLN A 180 22.05 2.33 3.73
N ILE A 181 22.33 2.75 4.96
CA ILE A 181 21.53 2.29 6.10
C ILE A 181 20.31 3.19 6.35
N LYS A 182 20.24 4.30 5.64
CA LYS A 182 19.09 5.20 5.68
C LYS A 182 18.80 5.71 4.27
N ARG A 183 17.56 6.14 4.04
CA ARG A 183 17.23 6.85 2.81
C ARG A 183 16.99 8.32 3.12
N ASN A 184 16.94 9.16 2.10
CA ASN A 184 16.58 10.55 2.36
C ASN A 184 15.70 11.19 1.29
N PHE A 186 12.69 12.55 -0.81
CA PHE A 186 11.37 13.12 -0.62
C PHE A 186 10.35 12.39 -1.51
N VAL A 187 9.68 11.38 -0.96
CA VAL A 187 8.66 10.63 -1.70
C VAL A 187 7.53 10.22 -0.79
N GLY A 188 6.40 9.90 -1.40
CA GLY A 188 5.21 9.51 -0.65
C GLY A 188 4.04 10.38 -1.05
N THR A 189 2.98 10.33 -0.24
CA THR A 189 1.81 11.16 -0.45
C THR A 189 1.68 12.06 0.78
N PRO A 190 1.69 13.39 0.59
CA PRO A 190 1.91 14.31 1.72
C PRO A 190 1.10 14.04 3.00
N PHE A 191 -0.21 13.76 2.90
CA PHE A 191 -0.98 13.57 4.15
C PHE A 191 -0.46 12.41 5.00
N TRP A 192 0.21 11.45 4.34
CA TRP A 192 0.65 10.23 5.02
C TRP A 192 2.15 10.24 5.33
N MET A 193 2.85 11.28 4.90
CA MET A 193 4.31 11.29 5.02
C MET A 193 4.80 11.58 6.44
N ALA A 194 5.81 10.84 6.86
CA ALA A 194 6.45 11.10 8.16
C ALA A 194 7.20 12.44 8.16
N PRO A 195 7.27 13.09 9.32
CA PRO A 195 7.95 14.39 9.38
C PRO A 195 9.40 14.31 8.92
N GLU A 196 10.10 13.24 9.26
CA GLU A 196 11.50 13.14 8.86
C GLU A 196 11.66 12.92 7.34
N VAL A 197 10.64 12.38 6.68
CA VAL A 197 10.70 12.24 5.22
C VAL A 197 10.49 13.60 4.55
N ILE A 198 9.53 14.36 5.05
CA ILE A 198 9.30 15.72 4.58
C ILE A 198 10.54 16.59 4.74
N LYS A 199 11.21 16.45 5.88
CA LYS A 199 12.42 17.22 6.16
C LYS A 199 13.65 16.66 5.43
N GLN A 200 13.46 15.50 4.79
CA GLN A 200 14.51 14.83 4.02
C GLN A 200 15.72 14.53 4.91
N SER A 201 15.43 14.25 6.17
CA SER A 201 16.41 13.69 7.09
C SER A 201 16.72 12.27 6.68
N ALA A 202 17.75 11.67 7.27
CA ALA A 202 18.02 10.26 7.04
C ALA A 202 16.98 9.44 7.79
N TYR A 203 16.23 8.61 7.06
CA TYR A 203 15.16 7.85 7.68
C TYR A 203 15.18 6.38 7.28
N ASP A 204 14.37 5.56 7.95
CA ASP A 204 14.31 4.14 7.60
C ASP A 204 12.89 3.62 7.66
N SER A 205 12.74 2.34 7.98
CA SER A 205 11.42 1.70 7.98
C SER A 205 10.45 2.35 8.97
N LYS A 206 10.95 3.08 9.96
CA LYS A 206 10.05 3.75 10.90
C LYS A 206 9.18 4.78 10.20
N ALA A 207 9.60 5.27 9.03
CA ALA A 207 8.73 6.16 8.23
C ALA A 207 7.42 5.45 7.85
N ASP A 208 7.51 4.17 7.50
CA ASP A 208 6.30 3.38 7.18
C ASP A 208 5.37 3.25 8.40
N ILE A 209 5.94 3.24 9.59
CA ILE A 209 5.15 3.08 10.80
C ILE A 209 4.33 4.34 11.06
N TRP A 210 4.91 5.51 10.81
CA TRP A 210 4.13 6.74 10.85
C TRP A 210 3.00 6.70 9.82
N SER A 211 3.31 6.35 8.57
CA SER A 211 2.27 6.26 7.55
C SER A 211 1.18 5.27 7.94
N LEU A 212 1.56 4.18 8.63
CA LEU A 212 0.58 3.22 9.13
C LEU A 212 -0.35 3.89 10.15
N GLY A 213 0.20 4.73 11.01
CA GLY A 213 -0.62 5.48 11.96
C GLY A 213 -1.64 6.38 11.28
N ILE A 214 -1.19 7.08 10.24
CA ILE A 214 -2.13 7.91 9.47
C ILE A 214 -3.19 7.03 8.80
N THR A 215 -2.77 5.89 8.25
CA THR A 215 -3.70 4.95 7.63
C THR A 215 -4.71 4.41 8.64
N ALA A 216 -4.29 4.21 9.89
CA ALA A 216 -5.26 3.79 10.92
C ALA A 216 -6.32 4.86 11.14
N ILE A 217 -5.91 6.13 11.19
CA ILE A 217 -6.89 7.22 11.29
C ILE A 217 -7.79 7.22 10.06
N GLU A 218 -7.20 7.06 8.88
CA GLU A 218 -7.94 6.98 7.63
C GLU A 218 -8.99 5.86 7.67
N LEU A 219 -8.62 4.70 8.21
CA LEU A 219 -9.59 3.60 8.25
C LEU A 219 -10.72 3.84 9.26
N ALA A 220 -10.43 4.62 10.30
CA ALA A 220 -11.39 4.88 11.37
C ALA A 220 -12.30 6.06 11.05
N ARG A 221 -11.73 7.10 10.45
CA ARG A 221 -12.43 8.36 10.21
C ARG A 221 -12.81 8.52 8.74
N GLY A 222 -12.23 7.70 7.87
CA GLY A 222 -12.52 7.76 6.44
C GLY A 222 -11.58 8.62 5.62
N GLU A 223 -10.74 9.40 6.30
CA GLU A 223 -9.82 10.31 5.64
C GLU A 223 -8.69 10.60 6.61
N PRO A 224 -7.51 10.97 6.09
CA PRO A 224 -6.38 11.31 6.97
C PRO A 224 -6.53 12.70 7.56
N PRO A 225 -5.75 13.01 8.61
CA PRO A 225 -5.72 14.39 9.13
C PRO A 225 -5.33 15.39 8.04
N HIS A 226 -5.87 16.60 8.12
CA HIS A 226 -5.59 17.69 7.17
C HIS A 226 -6.13 17.47 5.76
N SER A 227 -7.12 16.59 5.60
CA SER A 227 -7.55 16.17 4.27
C SER A 227 -8.15 17.31 3.43
N GLU A 228 -8.57 18.39 4.07
CA GLU A 228 -9.19 19.50 3.35
C GLU A 228 -8.17 20.55 2.91
N LEU A 229 -6.91 20.37 3.31
CA LEU A 229 -5.89 21.36 3.03
C LEU A 229 -5.12 21.06 1.75
N HIS A 230 -4.58 22.10 1.13
CA HIS A 230 -3.72 21.90 -0.03
C HIS A 230 -2.48 21.16 0.44
N PRO A 231 -2.05 20.14 -0.32
CA PRO A 231 -0.88 19.32 0.02
C PRO A 231 0.37 20.12 0.37
N MET A 232 0.56 21.28 -0.24
CA MET A 232 1.76 22.06 0.03
C MET A 232 1.72 22.60 1.45
N LYS A 233 0.52 22.94 1.91
CA LYS A 233 0.31 23.43 3.26
C LYS A 233 0.66 22.36 4.29
N VAL A 234 0.29 21.11 4.00
CA VAL A 234 0.55 20.08 5.00
C VAL A 234 2.03 19.77 5.06
N LEU A 235 2.77 20.07 3.99
CA LEU A 235 4.21 19.89 4.01
C LEU A 235 4.90 20.74 5.07
N PHE A 236 4.31 21.86 5.47
CA PHE A 236 4.90 22.57 6.60
C PHE A 236 4.19 22.22 7.92
N LEU A 237 2.91 21.87 7.84
CA LEU A 237 2.16 21.58 9.06
C LEU A 237 2.64 20.31 9.77
N ILE A 238 3.00 19.29 9.01
CA ILE A 238 3.33 18.01 9.63
C ILE A 238 4.61 18.07 10.47
N PRO A 239 5.70 18.69 9.96
CA PRO A 239 6.86 18.77 10.86
C PRO A 239 6.66 19.72 12.03
N LYS A 240 5.83 20.74 11.84
CA LYS A 240 5.64 21.76 12.88
C LYS A 240 4.72 21.29 13.98
N ASN A 241 3.53 20.83 13.60
CA ASN A 241 2.50 20.52 14.58
C ASN A 241 2.85 19.33 15.43
N ASN A 242 2.22 19.27 16.60
CA ASN A 242 2.21 18.03 17.35
C ASN A 242 1.61 16.93 16.46
N PRO A 243 2.00 15.67 16.70
CA PRO A 243 1.44 14.59 15.87
C PRO A 243 -0.06 14.50 16.00
N PRO A 244 -0.71 14.02 14.94
CA PRO A 244 -2.16 13.79 15.02
C PRO A 244 -2.49 12.75 16.09
N THR A 245 -3.70 12.86 16.64
CA THR A 245 -4.23 11.80 17.47
C THR A 245 -5.56 11.40 16.86
N LEU A 246 -6.06 10.24 17.26
CA LEU A 246 -7.37 9.81 16.83
C LEU A 246 -8.42 10.38 17.76
N GLU A 247 -9.24 11.28 17.23
CA GLU A 247 -10.30 11.89 18.02
C GLU A 247 -11.63 11.25 17.69
N GLY A 248 -12.50 11.18 18.69
CA GLY A 248 -13.81 10.60 18.50
C GLY A 248 -14.03 9.46 19.48
N ASN A 249 -15.18 8.82 19.38
CA ASN A 249 -15.57 7.80 20.34
C ASN A 249 -15.08 6.43 19.90
N TYR A 250 -13.77 6.28 19.88
CA TYR A 250 -13.10 5.03 19.52
C TYR A 250 -12.51 4.39 20.77
N SER A 251 -12.25 3.09 20.72
CA SER A 251 -11.72 2.41 21.88
C SER A 251 -10.34 2.97 22.27
N LYS A 252 -10.03 2.89 23.56
CA LYS A 252 -8.73 3.33 24.04
C LYS A 252 -7.59 2.58 23.35
N PRO A 253 -7.69 1.24 23.19
CA PRO A 253 -6.57 0.60 22.48
C PRO A 253 -6.38 1.10 21.04
N LEU A 254 -7.45 1.44 20.31
CA LEU A 254 -7.26 1.99 18.97
C LEU A 254 -6.56 3.36 19.05
N LYS A 255 -7.01 4.21 19.97
CA LYS A 255 -6.36 5.49 20.13
C LYS A 255 -4.88 5.34 20.49
N GLU A 256 -4.58 4.36 21.34
CA GLU A 256 -3.20 4.13 21.76
C GLU A 256 -2.35 3.57 20.61
N PHE A 257 -2.94 2.73 19.78
CA PHE A 257 -2.25 2.20 18.62
C PHE A 257 -1.80 3.36 17.73
N VAL A 258 -2.73 4.25 17.43
CA VAL A 258 -2.43 5.42 16.62
C VAL A 258 -1.33 6.27 17.26
N GLU A 259 -1.47 6.55 18.55
CA GLU A 259 -0.48 7.36 19.28
C GLU A 259 0.92 6.74 19.22
N ALA A 260 0.98 5.41 19.32
CA ALA A 260 2.26 4.71 19.29
C ALA A 260 2.96 4.93 17.96
N CYS A 261 2.18 4.87 16.88
CA CYS A 261 2.73 5.04 15.55
C CYS A 261 3.15 6.47 15.28
N LEU A 262 2.33 7.40 15.76
CA LEU A 262 2.51 8.80 15.42
C LEU A 262 3.32 9.52 16.49
N ASN A 263 4.56 9.07 16.62
CA ASN A 263 5.57 9.71 17.45
C ASN A 263 6.49 10.51 16.53
N LYS A 264 6.76 11.78 16.86
CA LYS A 264 7.59 12.60 16.00
C LYS A 264 9.02 12.06 15.93
N GLU A 265 9.45 11.40 17.00
CA GLU A 265 10.79 10.81 17.00
C GLU A 265 10.72 9.38 16.50
N PRO A 266 11.32 9.11 15.33
CA PRO A 266 11.13 7.78 14.74
C PRO A 266 11.64 6.62 15.58
N SER A 267 12.70 6.81 16.38
CA SER A 267 13.21 5.68 17.16
C SER A 267 12.26 5.29 18.30
N PHE A 268 11.27 6.14 18.58
CA PHE A 268 10.32 5.83 19.63
C PHE A 268 9.08 5.15 19.08
N ARG A 269 8.99 5.06 17.76
CA ARG A 269 7.89 4.30 17.15
C ARG A 269 8.18 2.82 17.28
N PRO A 270 7.14 2.00 17.52
CA PRO A 270 7.36 0.56 17.55
C PRO A 270 7.66 -0.01 16.17
N THR A 271 8.23 -1.20 16.13
CA THR A 271 8.37 -1.91 14.86
C THR A 271 7.05 -2.56 14.48
N ALA A 272 6.96 -3.02 13.23
CA ALA A 272 5.76 -3.75 12.80
C ALA A 272 5.55 -5.02 13.63
N LYS A 273 6.63 -5.74 13.91
CA LYS A 273 6.53 -6.96 14.73
C LYS A 273 5.95 -6.67 16.10
N GLU A 274 6.36 -5.54 16.68
CA GLU A 274 5.88 -5.15 18.00
C GLU A 274 4.39 -4.79 17.93
N LEU A 275 3.99 -4.08 16.88
CA LEU A 275 2.59 -3.70 16.75
C LEU A 275 1.65 -4.87 16.51
N LEU A 276 2.17 -5.97 15.97
CA LEU A 276 1.34 -7.15 15.82
C LEU A 276 0.90 -7.70 17.17
N LYS A 277 1.58 -7.27 18.24
CA LYS A 277 1.25 -7.70 19.60
C LYS A 277 0.47 -6.64 20.37
N HIS A 278 0.10 -5.56 19.69
CA HIS A 278 -0.62 -4.49 20.36
C HIS A 278 -2.01 -4.94 20.79
N LYS A 279 -2.43 -4.48 21.97
CA LYS A 279 -3.74 -4.79 22.51
C LYS A 279 -4.86 -4.57 21.50
N PHE A 280 -4.78 -3.51 20.70
CA PHE A 280 -5.85 -3.24 19.75
C PHE A 280 -5.99 -4.38 18.73
N ILE A 281 -4.84 -4.85 18.25
CA ILE A 281 -4.83 -5.93 17.25
C ILE A 281 -5.27 -7.24 17.87
N LEU A 282 -4.71 -7.59 19.03
CA LEU A 282 -5.02 -8.88 19.67
C LEU A 282 -6.48 -8.97 20.07
N ARG A 283 -7.05 -7.88 20.55
CA ARG A 283 -8.43 -7.90 21.03
C ARG A 283 -9.48 -7.85 19.93
N ASN A 284 -9.14 -7.27 18.79
CA ASN A 284 -10.17 -6.97 17.79
C ASN A 284 -10.02 -7.64 16.43
N ALA A 285 -8.82 -8.05 16.06
CA ALA A 285 -8.62 -8.67 14.76
C ALA A 285 -9.22 -10.07 14.71
N LYS A 286 -9.90 -10.38 13.61
CA LYS A 286 -10.51 -11.70 13.42
C LYS A 286 -10.11 -12.22 12.05
N LYS A 287 -10.66 -13.37 11.64
CA LYS A 287 -10.18 -13.98 10.41
C LYS A 287 -10.51 -13.07 9.21
N THR A 288 -9.63 -13.09 8.22
CA THR A 288 -9.78 -12.21 7.07
C THR A 288 -11.04 -12.50 6.25
N SER A 289 -11.54 -13.74 6.30
CA SER A 289 -12.74 -14.03 5.50
C SER A 289 -13.96 -13.22 5.93
N TYR A 290 -13.98 -12.70 7.16
CA TYR A 290 -15.10 -11.86 7.55
C TYR A 290 -15.12 -10.56 6.75
N LEU A 291 -13.98 -10.18 6.18
CA LEU A 291 -13.94 -8.95 5.37
C LEU A 291 -14.75 -9.08 4.07
N THR A 292 -15.18 -10.28 3.71
N THR A 292 -15.18 -10.30 3.73
CA THR A 292 -16.02 -10.44 2.53
CA THR A 292 -16.03 -10.51 2.56
C THR A 292 -17.29 -9.61 2.65
C THR A 292 -17.30 -9.66 2.66
N GLU A 293 -17.76 -9.42 3.89
CA GLU A 293 -18.94 -8.59 4.12
C GLU A 293 -18.70 -7.15 3.62
N LEU A 294 -17.49 -6.65 3.84
CA LEU A 294 -17.10 -5.33 3.38
C LEU A 294 -17.05 -5.26 1.86
N ILE A 295 -16.54 -6.33 1.26
CA ILE A 295 -16.45 -6.39 -0.18
C ILE A 295 -17.86 -6.46 -0.80
N ASP A 296 -18.74 -7.26 -0.19
CA ASP A 296 -20.13 -7.34 -0.64
C ASP A 296 -20.83 -5.98 -0.50
N ARG A 297 -20.54 -5.27 0.59
CA ARG A 297 -21.15 -3.96 0.79
C ARG A 297 -20.74 -3.02 -0.33
N TYR A 298 -19.47 -3.09 -0.72
CA TYR A 298 -18.99 -2.24 -1.80
C TYR A 298 -19.65 -2.61 -3.13
N LYS A 299 -19.76 -3.90 -3.41
CA LYS A 299 -20.36 -4.34 -4.66
C LYS A 299 -21.82 -3.88 -4.75
N ARG A 300 -22.54 -3.96 -3.64
CA ARG A 300 -23.92 -3.51 -3.64
C ARG A 300 -23.97 -2.00 -3.87
N TRP A 301 -23.11 -1.28 -3.16
CA TRP A 301 -23.09 0.16 -3.25
C TRP A 301 -22.74 0.63 -4.66
N LYS A 302 -21.73 -0.01 -5.27
CA LYS A 302 -21.24 0.40 -6.57
C LYS A 302 -22.29 0.18 -7.66
N ALA A 303 -23.04 -0.92 -7.51
CA ALA A 303 -24.08 -1.27 -8.48
C ALA A 303 -25.22 -0.26 -8.52
N GLU A 304 -25.39 0.55 -7.47
CA GLU A 304 -26.44 1.56 -7.52
C GLU A 304 -25.93 2.99 -7.52
N GLN A 305 -24.69 3.17 -7.95
CA GLN A 305 -24.13 4.52 -8.08
C GLN A 305 -24.45 5.13 -9.44
#